data_3JPY
#
_entry.id   3JPY
#
_cell.length_a   143.368
_cell.length_b   143.368
_cell.length_c   88.467
_cell.angle_alpha   90.00
_cell.angle_beta   90.00
_cell.angle_gamma   120.00
#
_symmetry.space_group_name_H-M   'P 31 2 1'
#
loop_
_entity.id
_entity.type
_entity.pdbx_description
1 polymer 'Glutamate [NMDA] receptor subunit epsilon-2'
2 non-polymer 2-acetamido-2-deoxy-beta-D-glucopyranose
3 non-polymer 'CHLORIDE ION'
4 non-polymer 'SODIUM ION'
5 non-polymer 'ZINC ION'
6 water water
#
_entity_poly.entity_id   1
_entity_poly.type   'polypeptide(L)'
_entity_poly.pdbx_seq_one_letter_code
;PPSIGIAVILVGTSDEVAIKDAHEKDDFHHLSVVPRVELVAMNETDPKSIITRICDLMSDRKIQGVVFADDTDQEAIAQI
LDFISAQTLTPILGIHGGSSMIMADKDESSMFFQFGPSIEQQASVMLNIMEEYDWYIFSIVTTYFPGYQDFVNKIRSTIE
NSFVGWELEEVLLLDMSLDDGDSKIQNQLKKLQSPIILLYCTKEEATYIFEVANSVGLTGYGYTWIVPSLVAGDTDTVPS
EFPTGLISVSYDEWDYGLPARVRDGIAIITTAASDMLSEHSFIPEPKSSCYNTHEKRIYQSNMLNRYLINVTFEGRDLSF
SEDGYQMHPKLVIILLNKERKWERVGKWKDKSLQMKYYVWPRM
;
_entity_poly.pdbx_strand_id   A
#
# COMPACT_ATOMS: atom_id res chain seq x y z
N PRO A 1 10.64 30.73 -14.63
CA PRO A 1 11.10 29.34 -14.72
C PRO A 1 11.11 28.63 -13.35
N PRO A 2 9.93 28.30 -12.80
CA PRO A 2 9.87 27.60 -11.51
C PRO A 2 10.04 26.09 -11.70
N SER A 3 11.17 25.54 -11.25
CA SER A 3 11.41 24.11 -11.41
C SER A 3 11.32 23.35 -10.08
N ILE A 4 11.29 22.03 -10.17
CA ILE A 4 11.26 21.17 -9.02
C ILE A 4 11.71 19.77 -9.39
N GLY A 5 12.86 19.36 -8.87
CA GLY A 5 13.42 18.08 -9.21
C GLY A 5 12.65 16.95 -8.58
N ILE A 6 12.28 15.97 -9.40
CA ILE A 6 11.57 14.82 -8.89
C ILE A 6 12.33 13.58 -9.28
N ALA A 7 12.51 12.67 -8.34
CA ALA A 7 13.19 11.44 -8.68
C ALA A 7 12.19 10.33 -8.84
N VAL A 8 12.27 9.62 -9.95
CA VAL A 8 11.44 8.45 -10.13
C VAL A 8 12.34 7.25 -10.02
N ILE A 9 12.21 6.53 -8.91
CA ILE A 9 13.06 5.38 -8.67
C ILE A 9 12.26 4.13 -8.98
N LEU A 10 12.86 3.22 -9.75
CA LEU A 10 12.16 2.03 -10.17
C LEU A 10 12.98 0.79 -9.90
N VAL A 11 12.87 0.30 -8.67
CA VAL A 11 13.58 -0.90 -8.26
C VAL A 11 12.81 -2.16 -8.70
N GLY A 12 13.43 -2.95 -9.58
CA GLY A 12 12.89 -4.24 -9.97
C GLY A 12 11.78 -4.22 -11.02
N THR A 13 11.27 -3.02 -11.31
CA THR A 13 10.24 -2.89 -12.33
C THR A 13 10.86 -3.18 -13.68
N SER A 14 10.09 -3.84 -14.54
CA SER A 14 10.46 -3.97 -15.95
C SER A 14 10.37 -2.55 -16.52
N ASP A 15 11.40 -2.13 -17.25
CA ASP A 15 11.44 -0.75 -17.77
C ASP A 15 10.41 -0.59 -18.91
N GLU A 16 9.17 -0.32 -18.52
CA GLU A 16 8.06 -0.09 -19.43
C GLU A 16 7.63 1.37 -19.27
N VAL A 17 8.33 2.06 -18.37
CA VAL A 17 8.05 3.45 -18.06
C VAL A 17 9.05 4.34 -18.79
N ALA A 18 8.54 5.29 -19.58
CA ALA A 18 9.40 6.23 -20.31
C ALA A 18 9.08 7.68 -19.98
N ILE A 19 10.05 8.39 -19.40
CA ILE A 19 9.85 9.76 -18.93
C ILE A 19 10.51 10.78 -19.85
N LYS A 20 9.82 11.90 -20.05
CA LYS A 20 10.31 12.91 -20.98
C LYS A 20 11.63 13.37 -20.40
N ASP A 21 12.70 13.09 -21.14
CA ASP A 21 13.94 13.84 -21.05
C ASP A 21 13.61 15.33 -21.09
N ALA A 22 13.87 16.03 -19.99
CA ALA A 22 13.49 17.44 -19.86
C ALA A 22 14.48 18.41 -20.53
N HIS A 23 14.46 18.47 -21.86
CA HIS A 23 15.16 19.51 -22.62
C HIS A 23 14.24 20.70 -22.76
N GLU A 24 13.34 20.63 -23.73
CA GLU A 24 12.26 21.60 -23.82
C GLU A 24 11.54 21.64 -22.47
N LYS A 25 11.60 22.78 -21.80
CA LYS A 25 11.01 22.92 -20.48
C LYS A 25 9.49 23.04 -20.57
N ASP A 26 8.89 22.36 -21.56
CA ASP A 26 7.44 22.32 -21.70
C ASP A 26 6.81 21.91 -20.39
N ASP A 27 5.74 22.58 -19.99
CA ASP A 27 5.18 22.31 -18.67
C ASP A 27 4.37 21.02 -18.62
N PHE A 28 4.15 20.52 -17.41
CA PHE A 28 3.45 19.26 -17.18
C PHE A 28 1.96 19.51 -17.01
N HIS A 29 1.17 19.06 -17.98
CA HIS A 29 -0.27 19.14 -17.88
C HIS A 29 -0.75 20.50 -17.37
N HIS A 30 -0.21 21.56 -17.94
CA HIS A 30 -0.60 22.93 -17.64
C HIS A 30 -0.61 23.24 -16.15
N LEU A 31 0.49 22.90 -15.48
CA LEU A 31 0.70 23.27 -14.09
C LEU A 31 1.82 24.30 -14.01
N SER A 32 1.71 25.20 -13.04
CA SER A 32 2.63 26.35 -12.93
C SER A 32 4.10 25.97 -12.73
N VAL A 33 4.36 24.84 -12.08
CA VAL A 33 5.74 24.46 -11.84
C VAL A 33 6.23 23.33 -12.74
N VAL A 34 7.33 23.58 -13.46
CA VAL A 34 7.92 22.57 -14.32
C VAL A 34 8.70 21.53 -13.51
N PRO A 35 8.27 20.28 -13.57
CA PRO A 35 8.93 19.19 -12.86
C PRO A 35 10.14 18.74 -13.63
N ARG A 36 11.33 18.86 -13.05
CA ARG A 36 12.53 18.32 -13.69
C ARG A 36 12.70 16.87 -13.25
N VAL A 37 12.17 15.94 -14.03
CA VAL A 37 12.08 14.54 -13.60
C VAL A 37 13.28 13.72 -13.98
N GLU A 38 13.95 13.17 -12.96
CA GLU A 38 15.10 12.29 -13.16
C GLU A 38 14.73 10.81 -12.94
N LEU A 39 14.82 10.04 -14.02
CA LEU A 39 14.47 8.63 -14.00
C LEU A 39 15.63 7.85 -13.42
N VAL A 40 15.33 6.78 -12.69
CA VAL A 40 16.39 5.91 -12.15
C VAL A 40 15.89 4.47 -12.00
N ALA A 41 16.58 3.54 -12.64
CA ALA A 41 16.15 2.15 -12.60
C ALA A 41 17.18 1.25 -11.96
N MET A 42 17.09 1.12 -10.64
CA MET A 42 18.01 0.24 -9.91
C MET A 42 17.80 -1.21 -10.36
N ASN A 43 18.90 -1.95 -10.39
CA ASN A 43 18.88 -3.36 -10.76
C ASN A 43 18.80 -4.26 -9.52
N GLU A 44 19.69 -4.00 -8.57
CA GLU A 44 19.68 -4.69 -7.28
C GLU A 44 18.44 -4.27 -6.49
N THR A 45 17.85 -5.20 -5.75
CA THR A 45 16.56 -4.94 -5.12
C THR A 45 16.52 -5.14 -3.60
N ASP A 46 17.68 -5.31 -2.99
CA ASP A 46 17.76 -5.40 -1.54
C ASP A 46 17.68 -3.99 -0.95
N PRO A 47 17.01 -3.85 0.21
CA PRO A 47 16.86 -2.56 0.89
C PRO A 47 18.18 -1.81 1.04
N LYS A 48 19.26 -2.50 1.39
CA LYS A 48 20.54 -1.82 1.53
C LYS A 48 20.87 -1.00 0.29
N SER A 49 20.81 -1.62 -0.88
CA SER A 49 21.16 -0.95 -2.12
C SER A 49 20.27 0.26 -2.36
N ILE A 50 19.01 0.15 -1.96
CA ILE A 50 18.04 1.22 -2.16
C ILE A 50 18.35 2.41 -1.27
N ILE A 51 18.62 2.17 0.00
CA ILE A 51 18.86 3.26 0.92
C ILE A 51 20.11 4.00 0.46
N THR A 52 21.09 3.23 0.02
CA THR A 52 22.33 3.79 -0.48
C THR A 52 22.07 4.63 -1.72
N ARG A 53 21.34 4.04 -2.66
CA ARG A 53 21.16 4.63 -3.96
C ARG A 53 20.33 5.90 -3.90
N ILE A 54 19.25 5.87 -3.12
CA ILE A 54 18.38 7.02 -2.98
C ILE A 54 19.13 8.14 -2.32
N CYS A 55 19.87 7.81 -1.26
CA CYS A 55 20.59 8.82 -0.48
C CYS A 55 21.69 9.49 -1.27
N ASP A 56 22.55 8.69 -1.89
CA ASP A 56 23.59 9.21 -2.75
C ASP A 56 22.99 10.22 -3.71
N LEU A 57 21.98 9.78 -4.44
CA LEU A 57 21.28 10.62 -5.41
C LEU A 57 20.83 11.98 -4.87
N MET A 58 20.36 12.01 -3.63
CA MET A 58 19.81 13.24 -3.03
C MET A 58 20.83 14.35 -2.76
N SER A 59 22.10 13.96 -2.65
CA SER A 59 23.18 14.92 -2.49
C SER A 59 23.75 15.37 -3.84
N ASP A 60 23.77 14.43 -4.80
CA ASP A 60 24.30 14.70 -6.14
C ASP A 60 23.40 15.65 -6.92
N ARG A 61 22.10 15.34 -6.95
CA ARG A 61 21.14 16.15 -7.69
C ARG A 61 20.24 16.97 -6.74
N LYS A 62 19.42 17.86 -7.31
CA LYS A 62 18.56 18.73 -6.51
C LYS A 62 17.11 18.22 -6.49
N ILE A 63 16.82 17.35 -5.53
CA ILE A 63 15.55 16.64 -5.48
C ILE A 63 14.63 17.16 -4.37
N GLN A 64 13.38 17.42 -4.73
CA GLN A 64 12.42 17.97 -3.80
C GLN A 64 11.21 17.06 -3.65
N GLY A 65 11.34 15.83 -4.17
CA GLY A 65 10.28 14.84 -4.12
C GLY A 65 10.69 13.56 -4.79
N VAL A 66 10.12 12.44 -4.33
CA VAL A 66 10.47 11.15 -4.89
C VAL A 66 9.23 10.32 -5.16
N VAL A 67 9.04 9.91 -6.41
CA VAL A 67 8.04 8.90 -6.73
C VAL A 67 8.78 7.57 -6.85
N PHE A 68 8.34 6.58 -6.08
CA PHE A 68 9.10 5.34 -5.95
C PHE A 68 8.24 4.10 -6.15
N ALA A 69 8.66 3.22 -7.06
CA ALA A 69 7.95 1.96 -7.29
C ALA A 69 8.91 0.80 -7.29
N ASP A 70 8.42 -0.37 -6.90
CA ASP A 70 9.22 -1.59 -6.93
C ASP A 70 8.31 -2.78 -7.25
N ASP A 71 8.85 -3.81 -7.88
CA ASP A 71 8.05 -5.00 -8.20
C ASP A 71 8.34 -6.15 -7.25
N THR A 72 8.95 -5.84 -6.11
CA THR A 72 9.30 -6.86 -5.12
C THR A 72 8.16 -7.05 -4.13
N ASP A 73 8.30 -8.04 -3.25
CA ASP A 73 7.30 -8.28 -2.21
C ASP A 73 7.85 -8.00 -0.83
N GLN A 74 8.70 -6.98 -0.74
CA GLN A 74 9.36 -6.64 0.51
C GLN A 74 8.73 -5.42 1.16
N GLU A 75 7.86 -5.65 2.14
CA GLU A 75 7.27 -4.55 2.89
C GLU A 75 8.41 -3.74 3.51
N ALA A 76 9.54 -4.41 3.69
CA ALA A 76 10.76 -3.79 4.18
C ALA A 76 11.03 -2.43 3.53
N ILE A 77 10.98 -2.38 2.21
CA ILE A 77 11.22 -1.15 1.48
C ILE A 77 10.54 0.06 2.13
N ALA A 78 9.39 -0.16 2.75
CA ALA A 78 8.59 0.92 3.32
C ALA A 78 9.28 1.60 4.50
N GLN A 79 9.88 0.81 5.38
CA GLN A 79 10.68 1.32 6.48
C GLN A 79 11.75 2.29 5.98
N ILE A 80 12.61 1.81 5.09
CA ILE A 80 13.70 2.64 4.56
C ILE A 80 13.11 3.94 3.99
N LEU A 81 11.95 3.87 3.37
CA LEU A 81 11.40 5.06 2.72
C LEU A 81 10.83 6.06 3.71
N ASP A 82 10.14 5.55 4.72
CA ASP A 82 9.58 6.43 5.73
C ASP A 82 10.72 7.10 6.46
N PHE A 83 11.77 6.34 6.71
CA PHE A 83 12.96 6.86 7.34
C PHE A 83 13.53 8.03 6.55
N ILE A 84 13.79 7.83 5.26
CA ILE A 84 14.33 8.89 4.44
C ILE A 84 13.40 10.11 4.33
N SER A 85 12.11 9.87 4.19
CA SER A 85 11.19 10.98 4.03
C SER A 85 11.32 11.84 5.25
N ALA A 86 11.48 11.19 6.41
CA ALA A 86 11.62 11.85 7.70
C ALA A 86 12.93 12.62 7.83
N GLN A 87 14.05 11.94 7.63
CA GLN A 87 15.35 12.56 7.76
C GLN A 87 15.48 13.80 6.88
N THR A 88 14.78 13.82 5.75
CA THR A 88 14.99 14.86 4.76
C THR A 88 13.77 15.73 4.51
N LEU A 89 12.73 15.53 5.30
CA LEU A 89 11.52 16.33 5.18
C LEU A 89 11.11 16.49 3.71
N THR A 90 11.27 15.40 2.97
CA THR A 90 10.97 15.35 1.55
C THR A 90 9.85 14.33 1.34
N PRO A 91 8.88 14.67 0.50
CA PRO A 91 7.76 13.80 0.17
C PRO A 91 8.25 12.61 -0.64
N ILE A 92 7.79 11.43 -0.28
CA ILE A 92 8.14 10.23 -1.00
C ILE A 92 6.85 9.46 -1.13
N LEU A 93 6.50 9.10 -2.36
CA LEU A 93 5.26 8.37 -2.61
C LEU A 93 5.53 6.90 -2.90
N GLY A 94 4.87 6.02 -2.14
CA GLY A 94 5.01 4.58 -2.31
C GLY A 94 3.98 4.10 -3.30
N ILE A 95 4.38 4.15 -4.56
CA ILE A 95 3.46 4.08 -5.68
C ILE A 95 2.98 2.67 -5.99
N HIS A 96 3.73 1.65 -5.57
CA HIS A 96 3.48 0.30 -6.04
C HIS A 96 4.54 -0.63 -5.50
N GLY A 97 4.14 -1.82 -5.08
CA GLY A 97 5.12 -2.82 -4.71
C GLY A 97 5.21 -2.93 -3.22
N GLY A 98 6.34 -3.42 -2.72
CA GLY A 98 6.55 -3.53 -1.30
C GLY A 98 6.43 -2.14 -0.72
N SER A 99 6.92 -1.17 -1.48
CA SER A 99 6.93 0.20 -1.04
C SER A 99 5.55 0.74 -0.70
N SER A 100 4.49 0.01 -1.02
CA SER A 100 3.17 0.57 -0.79
C SER A 100 2.30 -0.36 0.06
N MET A 101 2.92 -1.40 0.60
CA MET A 101 2.22 -2.30 1.51
C MET A 101 2.01 -1.60 2.85
N ILE A 102 0.80 -1.70 3.38
CA ILE A 102 0.41 -0.99 4.60
C ILE A 102 1.52 -0.92 5.63
N MET A 103 1.99 0.30 5.89
CA MET A 103 2.93 0.53 6.97
C MET A 103 2.17 1.14 8.14
N ALA A 104 1.91 0.32 9.15
CA ALA A 104 1.03 0.74 10.24
C ALA A 104 1.59 1.93 11.03
N ASP A 105 2.64 1.68 11.80
CA ASP A 105 3.39 2.73 12.46
C ASP A 105 4.05 3.58 11.39
N LYS A 106 4.13 4.89 11.60
CA LYS A 106 4.80 5.73 10.60
C LYS A 106 5.21 7.03 11.25
N ASP A 107 6.47 7.41 11.07
CA ASP A 107 7.00 8.63 11.65
C ASP A 107 6.10 9.84 11.38
N GLU A 108 5.41 10.33 12.41
CA GLU A 108 4.40 11.37 12.24
C GLU A 108 4.98 12.68 11.72
N SER A 109 6.30 12.70 11.51
CA SER A 109 6.97 13.88 10.99
C SER A 109 7.29 13.69 9.50
N SER A 110 7.24 12.44 9.05
CA SER A 110 7.60 12.11 7.67
C SER A 110 6.49 12.43 6.70
N MET A 111 6.88 12.53 5.43
CA MET A 111 5.94 12.76 4.35
C MET A 111 5.95 11.58 3.38
N PHE A 112 5.90 10.40 3.97
CA PHE A 112 5.83 9.17 3.21
C PHE A 112 4.38 8.78 3.05
N PHE A 113 3.89 8.85 1.81
CA PHE A 113 2.52 8.46 1.49
C PHE A 113 2.51 7.24 0.58
N GLN A 114 1.55 6.36 0.79
CA GLN A 114 1.47 5.12 0.03
C GLN A 114 0.20 5.06 -0.78
N PHE A 115 0.29 4.49 -1.98
CA PHE A 115 -0.91 4.21 -2.75
C PHE A 115 -1.64 2.99 -2.21
N GLY A 116 -2.95 2.98 -2.42
CA GLY A 116 -3.77 1.88 -1.96
C GLY A 116 -4.30 2.08 -0.56
N PRO A 117 -5.10 1.12 -0.09
CA PRO A 117 -5.98 1.17 1.09
C PRO A 117 -5.24 1.11 2.41
N SER A 118 -5.86 1.74 3.41
CA SER A 118 -5.38 1.71 4.77
C SER A 118 -5.74 0.39 5.45
N ILE A 119 -5.15 0.10 6.60
CA ILE A 119 -5.54 -1.09 7.35
C ILE A 119 -7.05 -1.04 7.63
N GLU A 120 -7.57 0.16 7.88
CA GLU A 120 -8.99 0.30 8.19
C GLU A 120 -9.84 0.07 6.96
N GLN A 121 -9.55 0.77 5.86
CA GLN A 121 -10.39 0.62 4.65
C GLN A 121 -10.47 -0.86 4.31
N GLN A 122 -9.34 -1.54 4.31
CA GLN A 122 -9.32 -2.97 4.00
C GLN A 122 -10.19 -3.80 4.94
N ALA A 123 -10.07 -3.55 6.24
CA ALA A 123 -10.97 -4.21 7.20
C ALA A 123 -12.44 -3.90 6.82
N SER A 124 -12.76 -2.62 6.71
CA SER A 124 -14.13 -2.21 6.39
C SER A 124 -14.68 -2.91 5.14
N VAL A 125 -13.80 -3.27 4.20
CA VAL A 125 -14.22 -3.95 2.98
C VAL A 125 -14.40 -5.45 3.18
N MET A 126 -13.50 -6.06 3.93
CA MET A 126 -13.62 -7.47 4.22
C MET A 126 -14.94 -7.78 4.93
N LEU A 127 -15.46 -6.82 5.68
CA LEU A 127 -16.77 -7.00 6.30
C LEU A 127 -17.86 -6.73 5.27
N ASN A 128 -17.69 -5.66 4.51
CA ASN A 128 -18.54 -5.32 3.39
C ASN A 128 -18.83 -6.54 2.52
N ILE A 129 -17.85 -7.43 2.41
CA ILE A 129 -17.99 -8.64 1.61
C ILE A 129 -18.72 -9.72 2.37
N MET A 130 -18.28 -9.97 3.60
CA MET A 130 -18.88 -11.04 4.38
C MET A 130 -20.40 -10.89 4.51
N GLU A 131 -20.90 -9.66 4.35
CA GLU A 131 -22.35 -9.43 4.39
C GLU A 131 -23.01 -9.86 3.09
N GLU A 132 -22.51 -9.37 1.97
CA GLU A 132 -23.09 -9.69 0.68
C GLU A 132 -23.37 -11.19 0.54
N TYR A 133 -22.73 -12.00 1.36
CA TYR A 133 -22.93 -13.44 1.29
C TYR A 133 -23.34 -13.98 2.66
N ASP A 134 -23.83 -13.07 3.50
CA ASP A 134 -24.30 -13.41 4.83
C ASP A 134 -23.38 -14.39 5.56
N TRP A 135 -22.07 -14.11 5.46
CA TRP A 135 -21.01 -14.84 6.18
C TRP A 135 -20.73 -14.18 7.53
N TYR A 136 -21.60 -14.40 8.52
CA TYR A 136 -21.57 -13.59 9.73
C TYR A 136 -20.78 -14.19 10.90
N ILE A 137 -20.49 -15.49 10.85
CA ILE A 137 -19.71 -16.13 11.91
C ILE A 137 -18.27 -16.37 11.45
N PHE A 138 -17.32 -15.73 12.15
CA PHE A 138 -15.93 -15.71 11.69
C PHE A 138 -14.94 -15.54 12.84
N SER A 139 -13.69 -15.94 12.59
CA SER A 139 -12.61 -15.75 13.55
C SER A 139 -11.58 -14.82 12.94
N ILE A 140 -10.82 -14.13 13.78
CA ILE A 140 -9.68 -13.37 13.30
C ILE A 140 -8.40 -14.07 13.70
N VAL A 141 -7.38 -13.94 12.87
CA VAL A 141 -6.09 -14.54 13.15
C VAL A 141 -5.00 -13.63 12.63
N THR A 142 -4.37 -12.88 13.54
CA THR A 142 -3.31 -11.94 13.17
C THR A 142 -2.02 -12.38 13.78
N THR A 143 -0.92 -11.88 13.24
CA THR A 143 0.36 -12.07 13.89
C THR A 143 0.71 -10.78 14.62
N TYR A 144 2.00 -10.51 14.75
CA TYR A 144 2.45 -9.33 15.47
C TYR A 144 2.80 -8.20 14.53
N PHE A 145 2.82 -8.50 13.24
CA PHE A 145 3.05 -7.48 12.22
C PHE A 145 2.27 -6.20 12.53
N PRO A 146 2.98 -5.07 12.57
CA PRO A 146 2.42 -3.75 12.86
C PRO A 146 1.10 -3.53 12.14
N GLY A 147 0.10 -3.12 12.88
CA GLY A 147 -1.22 -2.93 12.32
C GLY A 147 -2.20 -3.88 12.96
N TYR A 148 -1.73 -5.07 13.30
CA TYR A 148 -2.64 -6.09 13.82
C TYR A 148 -3.58 -5.47 14.84
N GLN A 149 -3.04 -4.69 15.78
CA GLN A 149 -3.86 -4.08 16.81
C GLN A 149 -4.91 -3.14 16.21
N ASP A 150 -4.49 -2.28 15.28
CA ASP A 150 -5.40 -1.31 14.64
C ASP A 150 -6.47 -2.01 13.79
N PHE A 151 -6.11 -3.14 13.21
CA PHE A 151 -6.99 -3.93 12.34
C PHE A 151 -8.09 -4.60 13.13
N VAL A 152 -7.71 -5.38 14.13
CA VAL A 152 -8.66 -6.04 15.02
C VAL A 152 -9.69 -5.07 15.61
N ASN A 153 -9.24 -3.86 15.94
CA ASN A 153 -10.12 -2.84 16.47
C ASN A 153 -11.20 -2.40 15.49
N LYS A 154 -10.81 -2.25 14.22
CA LYS A 154 -11.74 -1.78 13.20
C LYS A 154 -12.85 -2.80 13.01
N ILE A 155 -12.50 -4.07 13.16
CA ILE A 155 -13.48 -5.14 13.10
C ILE A 155 -14.41 -5.01 14.29
N ARG A 156 -13.86 -5.19 15.48
CA ARG A 156 -14.64 -5.11 16.72
C ARG A 156 -15.53 -3.87 16.76
N SER A 157 -14.99 -2.72 16.35
CA SER A 157 -15.75 -1.49 16.30
C SER A 157 -17.03 -1.64 15.48
N THR A 158 -16.88 -1.88 14.18
CA THR A 158 -18.04 -1.97 13.29
C THR A 158 -19.05 -3.05 13.71
N ILE A 159 -18.54 -4.13 14.31
CA ILE A 159 -19.39 -5.16 14.90
C ILE A 159 -20.33 -4.64 16.00
N GLU A 160 -19.76 -4.01 17.03
CA GLU A 160 -20.50 -3.52 18.19
C GLU A 160 -21.79 -2.80 17.82
N ASN A 161 -21.65 -1.76 16.99
CA ASN A 161 -22.81 -0.97 16.54
C ASN A 161 -23.37 -1.39 15.17
N SER A 162 -23.76 -2.66 15.05
CA SER A 162 -24.34 -3.18 13.82
C SER A 162 -25.56 -4.04 14.12
N PHE A 163 -26.66 -3.75 13.43
CA PHE A 163 -27.91 -4.48 13.60
C PHE A 163 -27.72 -5.94 13.25
N VAL A 164 -26.80 -6.19 12.32
CA VAL A 164 -26.49 -7.55 11.84
C VAL A 164 -25.86 -8.44 12.91
N GLY A 165 -26.05 -9.75 12.75
CA GLY A 165 -25.72 -10.71 13.78
C GLY A 165 -24.31 -11.27 13.69
N TRP A 166 -23.33 -10.38 13.73
CA TRP A 166 -21.92 -10.78 13.70
C TRP A 166 -21.55 -11.60 14.92
N GLU A 167 -20.82 -12.68 14.72
CA GLU A 167 -20.31 -13.46 15.84
C GLU A 167 -18.80 -13.69 15.69
N LEU A 168 -18.02 -12.83 16.34
CA LEU A 168 -16.58 -12.95 16.32
C LEU A 168 -16.13 -14.00 17.32
N GLU A 169 -16.03 -15.24 16.85
CA GLU A 169 -15.75 -16.36 17.75
C GLU A 169 -14.38 -16.28 18.41
N GLU A 170 -13.32 -16.33 17.61
CA GLU A 170 -11.96 -16.27 18.15
C GLU A 170 -11.10 -15.17 17.56
N VAL A 171 -10.09 -14.76 18.32
CA VAL A 171 -9.05 -13.87 17.84
C VAL A 171 -7.72 -14.42 18.32
N LEU A 172 -6.85 -14.79 17.39
CA LEU A 172 -5.58 -15.37 17.78
C LEU A 172 -4.44 -14.37 17.58
N LEU A 173 -3.27 -14.69 18.10
CA LEU A 173 -2.12 -13.80 18.01
C LEU A 173 -0.87 -14.66 17.99
N LEU A 174 -0.30 -14.82 16.81
CA LEU A 174 0.71 -15.85 16.61
C LEU A 174 2.15 -15.41 16.87
N ASP A 175 2.73 -15.91 17.95
CA ASP A 175 4.16 -15.76 18.18
C ASP A 175 4.90 -16.70 17.24
N MET A 176 5.34 -16.18 16.11
CA MET A 176 6.15 -16.97 15.19
C MET A 176 7.57 -17.18 15.74
N SER A 177 8.26 -18.20 15.24
CA SER A 177 9.65 -18.47 15.64
C SER A 177 10.31 -19.51 14.74
N SER A 183 7.10 -24.97 16.19
CA SER A 183 5.81 -24.62 15.60
C SER A 183 4.66 -24.75 16.61
N LYS A 184 4.69 -23.93 17.66
CA LYS A 184 3.63 -23.92 18.67
C LYS A 184 2.32 -23.38 18.10
N ILE A 185 2.40 -22.83 16.89
CA ILE A 185 1.21 -22.36 16.18
C ILE A 185 0.11 -23.41 16.19
N GLN A 186 0.45 -24.64 15.79
CA GLN A 186 -0.51 -25.74 15.72
C GLN A 186 -1.51 -25.75 16.88
N ASN A 187 -1.02 -25.84 18.11
CA ASN A 187 -1.90 -25.86 19.27
C ASN A 187 -2.89 -24.69 19.26
N GLN A 188 -2.48 -23.56 18.68
CA GLN A 188 -3.34 -22.39 18.60
C GLN A 188 -4.36 -22.50 17.48
N LEU A 189 -3.86 -22.71 16.26
CA LEU A 189 -4.69 -22.73 15.06
C LEU A 189 -5.71 -23.88 15.11
N LYS A 190 -5.39 -24.91 15.89
CA LYS A 190 -6.31 -26.03 16.06
C LYS A 190 -7.57 -25.56 16.77
N LYS A 191 -7.43 -24.55 17.63
CA LYS A 191 -8.54 -24.04 18.43
C LYS A 191 -9.58 -23.26 17.62
N LEU A 192 -9.47 -23.33 16.29
CA LEU A 192 -10.34 -22.56 15.40
C LEU A 192 -11.63 -23.28 15.00
N GLN A 193 -12.76 -22.62 15.23
CA GLN A 193 -14.05 -23.23 14.90
C GLN A 193 -14.68 -22.64 13.63
N SER A 194 -14.75 -21.31 13.57
CA SER A 194 -15.41 -20.59 12.48
C SER A 194 -15.06 -21.07 11.06
N PRO A 195 -15.97 -20.81 10.10
CA PRO A 195 -15.84 -21.14 8.68
C PRO A 195 -15.13 -20.03 7.92
N ILE A 196 -15.38 -18.77 8.31
CA ILE A 196 -14.69 -17.64 7.74
C ILE A 196 -13.56 -17.17 8.65
N ILE A 197 -12.39 -16.96 8.07
CA ILE A 197 -11.24 -16.55 8.85
C ILE A 197 -10.54 -15.38 8.21
N LEU A 198 -10.44 -14.31 8.98
CA LEU A 198 -9.68 -13.15 8.57
C LEU A 198 -8.27 -13.31 9.09
N LEU A 199 -7.30 -13.31 8.17
CA LEU A 199 -5.91 -13.51 8.53
C LEU A 199 -5.10 -12.29 8.20
N TYR A 200 -4.61 -11.61 9.23
CA TYR A 200 -3.82 -10.40 9.03
C TYR A 200 -2.33 -10.64 9.29
N CYS A 201 -1.52 -10.53 8.25
CA CYS A 201 -0.08 -10.78 8.38
C CYS A 201 0.64 -10.49 7.07
N THR A 202 1.95 -10.71 7.02
CA THR A 202 2.70 -10.50 5.80
C THR A 202 2.52 -11.67 4.84
N LYS A 203 2.90 -11.48 3.59
CA LYS A 203 2.84 -12.57 2.64
C LYS A 203 3.68 -13.74 3.13
N GLU A 204 4.92 -13.45 3.57
CA GLU A 204 5.84 -14.52 3.98
C GLU A 204 5.37 -15.24 5.23
N GLU A 205 4.82 -14.50 6.18
CA GLU A 205 4.28 -15.14 7.37
C GLU A 205 3.14 -16.05 6.94
N ALA A 206 2.31 -15.54 6.05
CA ALA A 206 1.11 -16.24 5.61
C ALA A 206 1.45 -17.64 5.09
N THR A 207 2.53 -17.75 4.32
CA THR A 207 2.84 -19.03 3.69
C THR A 207 3.23 -20.09 4.72
N TYR A 208 3.76 -19.67 5.85
CA TYR A 208 4.04 -20.64 6.90
C TYR A 208 2.72 -21.00 7.55
N ILE A 209 1.96 -19.98 7.92
CA ILE A 209 0.69 -20.18 8.59
C ILE A 209 -0.20 -21.14 7.82
N PHE A 210 -0.19 -21.03 6.50
CA PHE A 210 -1.02 -21.92 5.68
C PHE A 210 -0.52 -23.36 5.67
N GLU A 211 0.79 -23.51 5.40
CA GLU A 211 1.43 -24.83 5.42
C GLU A 211 1.04 -25.60 6.67
N VAL A 212 0.90 -24.89 7.79
CA VAL A 212 0.48 -25.51 9.04
C VAL A 212 -1.01 -25.87 9.03
N ALA A 213 -1.87 -24.88 8.78
CA ALA A 213 -3.30 -25.10 8.75
C ALA A 213 -3.68 -26.23 7.81
N ASN A 214 -2.98 -26.31 6.68
CA ASN A 214 -3.26 -27.35 5.69
C ASN A 214 -3.12 -28.76 6.25
N SER A 215 -2.03 -28.99 6.98
CA SER A 215 -1.86 -30.25 7.70
C SER A 215 -2.52 -30.18 9.10
N VAL A 216 -3.68 -29.54 9.13
CA VAL A 216 -4.57 -29.56 10.28
C VAL A 216 -5.98 -29.44 9.72
N GLY A 217 -6.06 -29.36 8.39
CA GLY A 217 -7.32 -29.34 7.69
C GLY A 217 -8.05 -28.00 7.66
N LEU A 218 -7.83 -27.16 8.67
CA LEU A 218 -8.49 -25.85 8.77
C LEU A 218 -8.43 -25.05 7.44
N THR A 219 -7.63 -25.53 6.48
CA THR A 219 -7.60 -24.94 5.15
C THR A 219 -8.11 -25.95 4.13
N GLY A 220 -9.29 -25.69 3.58
CA GLY A 220 -9.89 -26.54 2.58
C GLY A 220 -11.32 -26.16 2.23
N TYR A 221 -12.21 -27.15 2.18
CA TYR A 221 -13.63 -26.88 2.03
C TYR A 221 -14.25 -26.74 3.41
N GLY A 222 -15.18 -25.80 3.53
CA GLY A 222 -15.77 -25.49 4.81
C GLY A 222 -15.14 -24.22 5.39
N TYR A 223 -13.84 -24.05 5.16
CA TYR A 223 -13.13 -22.86 5.61
C TYR A 223 -12.72 -21.97 4.46
N THR A 224 -13.15 -20.71 4.49
CA THR A 224 -12.67 -19.72 3.55
C THR A 224 -11.88 -18.67 4.28
N TRP A 225 -10.70 -18.35 3.73
CA TRP A 225 -9.80 -17.39 4.34
C TRP A 225 -9.83 -16.09 3.57
N ILE A 226 -9.97 -14.99 4.28
CA ILE A 226 -9.90 -13.68 3.65
C ILE A 226 -8.70 -12.94 4.22
N VAL A 227 -8.07 -12.12 3.38
CA VAL A 227 -6.70 -11.72 3.59
C VAL A 227 -6.37 -10.38 2.91
N PRO A 228 -5.63 -9.52 3.61
CA PRO A 228 -5.28 -8.15 3.19
C PRO A 228 -4.44 -8.09 1.90
N SER A 229 -4.37 -6.91 1.32
CA SER A 229 -3.76 -6.75 0.00
C SER A 229 -2.31 -7.19 -0.04
N LEU A 230 -1.60 -7.04 1.07
CA LEU A 230 -0.16 -7.30 1.10
C LEU A 230 0.17 -8.78 1.19
N VAL A 231 -0.81 -9.63 1.44
CA VAL A 231 -0.55 -11.06 1.50
C VAL A 231 -0.69 -11.64 0.10
N ALA A 232 -1.44 -10.95 -0.74
CA ALA A 232 -1.50 -11.27 -2.16
C ALA A 232 -0.17 -10.86 -2.78
N GLY A 233 0.29 -9.68 -2.41
CA GLY A 233 1.52 -9.14 -2.94
C GLY A 233 1.47 -9.05 -4.45
N ASP A 234 2.58 -9.39 -5.10
CA ASP A 234 2.60 -9.55 -6.54
C ASP A 234 1.75 -10.76 -6.89
N THR A 235 0.65 -10.53 -7.59
CA THR A 235 -0.30 -11.59 -7.89
C THR A 235 0.32 -12.66 -8.80
N ASP A 236 1.45 -12.34 -9.39
CA ASP A 236 2.14 -13.26 -10.29
C ASP A 236 2.95 -14.31 -9.53
N THR A 237 3.09 -14.11 -8.23
CA THR A 237 3.85 -15.05 -7.41
C THR A 237 2.96 -15.72 -6.38
N VAL A 238 2.58 -16.96 -6.64
CA VAL A 238 1.67 -17.67 -5.75
C VAL A 238 2.31 -18.89 -5.08
N PRO A 239 2.59 -18.77 -3.78
CA PRO A 239 3.05 -19.86 -2.90
C PRO A 239 2.29 -21.17 -3.11
N SER A 240 2.98 -22.28 -2.97
CA SER A 240 2.34 -23.59 -3.08
C SER A 240 1.30 -23.73 -1.97
N GLU A 241 1.60 -23.18 -0.81
CA GLU A 241 0.80 -23.42 0.39
C GLU A 241 -0.47 -22.57 0.46
N PHE A 242 -0.59 -21.60 -0.44
CA PHE A 242 -1.78 -20.78 -0.49
C PHE A 242 -2.97 -21.61 -0.90
N PRO A 243 -4.00 -21.68 -0.04
CA PRO A 243 -5.16 -22.54 -0.33
C PRO A 243 -5.95 -21.97 -1.49
N THR A 244 -6.34 -22.82 -2.44
CA THR A 244 -7.27 -22.38 -3.48
C THR A 244 -8.57 -21.97 -2.78
N GLY A 245 -9.18 -20.88 -3.24
CA GLY A 245 -10.32 -20.30 -2.56
C GLY A 245 -9.86 -19.30 -1.52
N LEU A 246 -8.73 -18.67 -1.80
CA LEU A 246 -8.24 -17.61 -0.95
C LEU A 246 -8.84 -16.33 -1.47
N ILE A 247 -9.64 -15.67 -0.65
CA ILE A 247 -10.15 -14.36 -1.03
C ILE A 247 -9.22 -13.31 -0.51
N SER A 248 -8.96 -12.29 -1.32
CA SER A 248 -8.06 -11.23 -0.92
C SER A 248 -8.50 -9.92 -1.55
N VAL A 249 -8.29 -8.82 -0.85
CA VAL A 249 -8.44 -7.50 -1.43
C VAL A 249 -7.12 -7.13 -2.05
N SER A 250 -7.16 -6.47 -3.21
CA SER A 250 -5.92 -6.03 -3.84
C SER A 250 -6.11 -4.68 -4.47
N TYR A 251 -5.04 -3.91 -4.51
CA TYR A 251 -5.02 -2.68 -5.29
C TYR A 251 -5.14 -3.10 -6.76
N ASP A 252 -5.60 -2.21 -7.62
CA ASP A 252 -5.97 -2.62 -8.98
C ASP A 252 -4.85 -2.49 -10.00
N GLU A 253 -4.15 -3.58 -10.26
CA GLU A 253 -3.01 -3.52 -11.17
C GLU A 253 -3.42 -3.84 -12.62
N TRP A 254 -4.73 -3.81 -12.88
CA TRP A 254 -5.24 -4.11 -14.23
C TRP A 254 -5.53 -2.85 -15.05
N ASP A 255 -6.56 -2.10 -14.64
CA ASP A 255 -6.91 -0.85 -15.32
C ASP A 255 -5.97 0.30 -14.92
N TYR A 256 -5.01 -0.01 -14.06
CA TYR A 256 -4.11 1.01 -13.53
C TYR A 256 -2.67 0.58 -13.68
N GLY A 257 -2.12 0.82 -14.86
CA GLY A 257 -0.75 0.46 -15.14
C GLY A 257 0.25 1.31 -14.39
N LEU A 258 1.51 0.87 -14.38
CA LEU A 258 2.56 1.61 -13.70
C LEU A 258 2.68 3.03 -14.24
N PRO A 259 2.92 3.19 -15.54
CA PRO A 259 3.10 4.55 -16.07
C PRO A 259 2.00 5.54 -15.66
N ALA A 260 0.81 5.05 -15.32
CA ALA A 260 -0.30 5.90 -14.91
C ALA A 260 -0.14 6.38 -13.49
N ARG A 261 0.47 5.53 -12.67
CA ARG A 261 0.78 5.87 -11.30
C ARG A 261 1.90 6.89 -11.30
N VAL A 262 2.99 6.57 -11.98
CA VAL A 262 4.10 7.51 -12.11
C VAL A 262 3.58 8.89 -12.53
N ARG A 263 2.74 8.92 -13.55
CA ARG A 263 2.11 10.17 -13.95
C ARG A 263 1.42 10.77 -12.73
N ASP A 264 0.59 9.97 -12.07
CA ASP A 264 -0.12 10.43 -10.89
C ASP A 264 0.83 10.87 -9.77
N GLY A 265 1.91 10.13 -9.59
CA GLY A 265 2.93 10.52 -8.63
C GLY A 265 3.43 11.93 -8.91
N ILE A 266 3.96 12.14 -10.10
CA ILE A 266 4.47 13.45 -10.48
C ILE A 266 3.39 14.51 -10.34
N ALA A 267 2.15 14.10 -10.60
CA ALA A 267 1.05 15.04 -10.54
C ALA A 267 0.83 15.50 -9.11
N ILE A 268 0.71 14.53 -8.21
CA ILE A 268 0.47 14.84 -6.81
C ILE A 268 1.44 15.89 -6.32
N ILE A 269 2.73 15.63 -6.51
CA ILE A 269 3.79 16.55 -6.10
C ILE A 269 3.70 17.86 -6.85
N THR A 270 3.79 17.81 -8.18
CA THR A 270 3.80 19.02 -9.01
C THR A 270 2.61 19.94 -8.75
N THR A 271 1.48 19.37 -8.33
CA THR A 271 0.33 20.19 -7.97
C THR A 271 0.59 20.91 -6.65
N ALA A 272 0.93 20.14 -5.62
CA ALA A 272 1.22 20.70 -4.31
C ALA A 272 2.21 21.85 -4.42
N ALA A 273 3.30 21.61 -5.14
CA ALA A 273 4.34 22.63 -5.34
C ALA A 273 3.79 23.90 -6.02
N SER A 274 2.97 23.71 -7.04
CA SER A 274 2.36 24.83 -7.73
C SER A 274 1.38 25.60 -6.85
N ASP A 275 0.65 24.88 -5.98
CA ASP A 275 -0.32 25.53 -5.12
C ASP A 275 0.36 26.23 -3.95
N MET A 276 1.62 25.88 -3.68
CA MET A 276 2.36 26.58 -2.64
C MET A 276 3.00 27.83 -3.22
N LEU A 277 3.75 27.67 -4.31
CA LEU A 277 4.28 28.82 -5.02
C LEU A 277 3.15 29.81 -5.28
N SER A 278 1.92 29.31 -5.36
CA SER A 278 0.76 30.18 -5.62
C SER A 278 0.35 31.00 -4.38
N GLU A 279 0.46 30.41 -3.20
CA GLU A 279 0.03 31.09 -1.97
C GLU A 279 1.18 31.75 -1.21
N HIS A 280 2.41 31.29 -1.45
CA HIS A 280 3.61 31.88 -0.84
C HIS A 280 4.76 31.77 -1.84
N SER A 281 5.52 32.83 -2.04
CA SER A 281 6.56 32.84 -3.09
C SER A 281 7.70 31.92 -2.64
N PHE A 282 7.40 30.63 -2.49
CA PHE A 282 8.37 29.68 -1.96
C PHE A 282 8.09 28.25 -2.44
N ILE A 283 9.17 27.52 -2.74
CA ILE A 283 9.16 26.07 -2.84
C ILE A 283 10.42 25.56 -2.13
N PRO A 284 10.22 24.80 -1.05
CA PRO A 284 11.31 24.37 -0.15
C PRO A 284 12.58 23.91 -0.87
N GLU A 285 13.69 24.55 -0.55
CA GLU A 285 14.96 24.19 -1.19
C GLU A 285 15.19 22.69 -1.06
N PRO A 286 15.95 22.12 -2.00
CA PRO A 286 16.32 20.70 -1.97
C PRO A 286 17.16 20.36 -0.74
N LYS A 287 16.69 19.42 0.07
CA LYS A 287 17.49 18.88 1.16
C LYS A 287 18.46 17.82 0.61
N SER A 288 19.69 17.84 1.08
CA SER A 288 20.77 17.07 0.42
C SER A 288 21.49 16.06 1.30
N SER A 289 20.88 15.64 2.40
CA SER A 289 21.50 14.61 3.24
C SER A 289 20.45 13.85 4.03
N CYS A 290 20.48 12.52 3.90
CA CYS A 290 19.63 11.64 4.68
C CYS A 290 20.10 11.61 6.12
N TYR A 291 21.41 11.74 6.30
CA TYR A 291 22.01 11.59 7.62
C TYR A 291 22.39 12.92 8.27
N ASN A 292 23.46 13.52 7.78
CA ASN A 292 23.99 14.75 8.38
C ASN A 292 22.98 15.91 8.27
N THR A 293 22.08 15.98 9.25
CA THR A 293 20.88 16.82 9.19
C THR A 293 20.95 18.19 9.88
N HIS A 294 21.48 19.17 9.17
CA HIS A 294 21.40 20.56 9.61
C HIS A 294 20.12 21.20 9.06
N GLU A 295 19.31 20.35 8.42
CA GLU A 295 18.04 20.77 7.82
C GLU A 295 16.88 20.71 8.82
N LYS A 296 17.07 21.37 9.96
CA LYS A 296 15.99 21.55 10.93
C LYS A 296 14.95 22.54 10.40
N ARG A 297 14.64 22.45 9.11
CA ARG A 297 13.68 23.34 8.45
C ARG A 297 12.26 22.80 8.62
N ILE A 298 11.99 22.31 9.83
CA ILE A 298 10.79 21.56 10.16
C ILE A 298 9.46 22.29 9.91
N TYR A 299 9.53 23.53 9.46
CA TYR A 299 8.31 24.31 9.27
C TYR A 299 7.84 24.36 7.82
N GLN A 300 8.73 24.71 6.91
CA GLN A 300 8.40 24.71 5.49
C GLN A 300 7.90 23.33 5.05
N SER A 301 8.31 22.29 5.76
CA SER A 301 7.74 20.97 5.56
C SER A 301 6.24 21.03 5.77
N ASN A 302 5.82 21.09 7.03
CA ASN A 302 4.40 21.09 7.35
C ASN A 302 3.54 21.85 6.34
N MET A 303 4.06 22.96 5.83
CA MET A 303 3.37 23.77 4.82
C MET A 303 3.14 22.95 3.55
N LEU A 304 4.22 22.46 2.96
CA LEU A 304 4.10 21.58 1.81
C LEU A 304 3.08 20.50 2.13
N ASN A 305 3.33 19.77 3.21
CA ASN A 305 2.49 18.66 3.60
C ASN A 305 1.00 18.97 3.59
N ARG A 306 0.64 20.24 3.65
CA ARG A 306 -0.78 20.60 3.65
C ARG A 306 -1.32 20.53 2.23
N TYR A 307 -0.43 20.65 1.25
CA TYR A 307 -0.84 20.65 -0.15
C TYR A 307 -0.79 19.26 -0.79
N LEU A 308 0.25 18.49 -0.48
CA LEU A 308 0.35 17.10 -0.92
C LEU A 308 -0.87 16.30 -0.52
N ILE A 309 -1.34 16.55 0.69
CA ILE A 309 -2.34 15.73 1.34
C ILE A 309 -3.71 15.81 0.65
N ASN A 310 -3.82 16.60 -0.41
CA ASN A 310 -5.11 17.01 -0.88
C ASN A 310 -5.26 17.16 -2.39
N VAL A 311 -4.35 16.56 -3.15
CA VAL A 311 -4.34 16.76 -4.58
C VAL A 311 -5.52 16.09 -5.28
N THR A 312 -6.10 16.81 -6.24
CA THR A 312 -7.04 16.19 -7.17
C THR A 312 -6.65 16.60 -8.59
N PHE A 313 -6.30 15.62 -9.40
CA PHE A 313 -5.73 15.91 -10.69
C PHE A 313 -6.46 15.29 -11.85
N GLU A 314 -6.99 16.14 -12.70
CA GLU A 314 -7.71 15.70 -13.86
C GLU A 314 -8.81 14.81 -13.35
N GLY A 315 -9.01 13.64 -13.94
CA GLY A 315 -10.08 12.78 -13.47
C GLY A 315 -10.00 12.20 -12.06
N ARG A 316 -8.81 11.77 -11.68
CA ARG A 316 -8.55 11.15 -10.38
C ARG A 316 -8.54 12.05 -9.16
N ASP A 317 -8.91 11.50 -8.00
CA ASP A 317 -8.75 12.23 -6.76
C ASP A 317 -7.71 11.49 -5.96
N LEU A 318 -6.67 12.19 -5.53
CA LEU A 318 -5.56 11.54 -4.87
C LEU A 318 -5.32 11.99 -3.46
N SER A 319 -6.34 12.48 -2.82
CA SER A 319 -6.11 13.02 -1.48
C SER A 319 -5.72 11.87 -0.56
N PHE A 320 -4.81 12.17 0.36
CA PHE A 320 -4.28 11.17 1.28
C PHE A 320 -4.84 11.30 2.68
N SER A 321 -4.77 10.21 3.44
CA SER A 321 -5.25 10.19 4.80
C SER A 321 -4.13 10.67 5.72
N GLU A 322 -4.48 10.86 6.99
CA GLU A 322 -3.52 11.34 7.99
C GLU A 322 -2.35 10.37 8.13
N ASP A 323 -2.64 9.07 8.18
CA ASP A 323 -1.61 8.05 8.38
C ASP A 323 -0.90 7.69 7.08
N GLY A 324 -1.09 8.52 6.06
CA GLY A 324 -0.33 8.37 4.82
C GLY A 324 -0.78 7.26 3.89
N TYR A 325 -2.07 7.00 3.84
CA TYR A 325 -2.62 6.10 2.84
C TYR A 325 -3.50 6.89 1.89
N GLN A 326 -3.78 6.30 0.75
CA GLN A 326 -4.69 6.91 -0.21
C GLN A 326 -6.08 6.84 0.39
N MET A 327 -6.83 7.93 0.26
CA MET A 327 -8.17 7.96 0.83
C MET A 327 -9.19 7.27 -0.05
N HIS A 328 -9.09 7.49 -1.35
CA HIS A 328 -10.02 6.85 -2.29
C HIS A 328 -9.28 6.01 -3.32
N PRO A 329 -9.02 4.75 -2.99
CA PRO A 329 -8.38 3.80 -3.89
C PRO A 329 -9.46 2.99 -4.61
N LYS A 330 -9.20 2.60 -5.85
CA LYS A 330 -10.08 1.66 -6.54
C LYS A 330 -9.57 0.27 -6.22
N LEU A 331 -10.43 -0.55 -5.62
CA LEU A 331 -10.01 -1.86 -5.17
C LEU A 331 -10.55 -2.98 -6.06
N VAL A 332 -9.97 -4.16 -5.89
CA VAL A 332 -10.40 -5.34 -6.62
C VAL A 332 -10.40 -6.52 -5.66
N ILE A 333 -11.53 -7.18 -5.50
CA ILE A 333 -11.53 -8.42 -4.73
C ILE A 333 -11.11 -9.56 -5.67
N ILE A 334 -10.18 -10.39 -5.22
CA ILE A 334 -9.66 -11.44 -6.08
C ILE A 334 -9.68 -12.79 -5.40
N LEU A 335 -9.55 -13.85 -6.21
CA LEU A 335 -9.78 -15.20 -5.72
C LEU A 335 -8.71 -16.13 -6.24
N LEU A 336 -8.11 -16.91 -5.34
CA LEU A 336 -7.13 -17.90 -5.76
C LEU A 336 -7.91 -19.07 -6.31
N ASN A 337 -7.83 -19.25 -7.62
CA ASN A 337 -8.63 -20.26 -8.31
C ASN A 337 -8.03 -21.67 -8.27
N LYS A 338 -8.51 -22.52 -9.17
CA LYS A 338 -8.11 -23.93 -9.22
C LYS A 338 -6.79 -24.13 -9.98
N GLU A 339 -6.68 -23.48 -11.14
CA GLU A 339 -5.43 -23.50 -11.91
C GLU A 339 -4.36 -22.63 -11.22
N ARG A 340 -4.71 -22.11 -10.05
CA ARG A 340 -3.81 -21.31 -9.20
C ARG A 340 -3.39 -19.96 -9.79
N LYS A 341 -4.34 -19.28 -10.42
CA LYS A 341 -4.20 -17.88 -10.81
C LYS A 341 -5.12 -17.07 -9.88
N TRP A 342 -5.05 -15.74 -9.95
CA TRP A 342 -5.99 -14.92 -9.19
C TRP A 342 -7.03 -14.37 -10.15
N GLU A 343 -8.30 -14.59 -9.85
CA GLU A 343 -9.39 -14.05 -10.66
C GLU A 343 -9.97 -12.77 -10.03
N ARG A 344 -10.31 -11.79 -10.87
CA ARG A 344 -11.06 -10.63 -10.38
C ARG A 344 -12.53 -11.05 -10.13
N VAL A 345 -13.09 -10.72 -8.98
CA VAL A 345 -14.44 -11.20 -8.67
C VAL A 345 -15.29 -10.16 -7.94
N GLY A 346 -14.88 -8.91 -8.02
CA GLY A 346 -15.55 -7.82 -7.34
C GLY A 346 -14.75 -6.53 -7.46
N LYS A 347 -15.43 -5.41 -7.40
CA LYS A 347 -14.77 -4.12 -7.40
C LYS A 347 -15.29 -3.34 -6.20
N TRP A 348 -14.52 -2.35 -5.74
CA TRP A 348 -15.02 -1.41 -4.72
C TRP A 348 -14.64 0.01 -5.11
N LYS A 349 -15.65 0.87 -5.21
CA LYS A 349 -15.47 2.20 -5.75
C LYS A 349 -15.35 3.20 -4.61
N ASP A 350 -16.48 3.50 -3.98
CA ASP A 350 -16.45 4.29 -2.74
C ASP A 350 -17.62 3.94 -1.84
N LYS A 351 -17.36 3.07 -0.87
CA LYS A 351 -18.39 2.49 -0.02
C LYS A 351 -19.35 1.63 -0.86
N SER A 352 -19.08 1.56 -2.16
CA SER A 352 -19.93 0.83 -3.09
C SER A 352 -19.27 -0.44 -3.59
N LEU A 353 -19.64 -1.57 -2.97
CA LEU A 353 -19.04 -2.87 -3.30
C LEU A 353 -19.81 -3.63 -4.38
N GLN A 354 -19.29 -3.64 -5.60
CA GLN A 354 -19.93 -4.40 -6.67
C GLN A 354 -19.28 -5.77 -6.94
N MET A 355 -20.01 -6.85 -6.66
CA MET A 355 -19.52 -8.20 -6.87
C MET A 355 -19.93 -8.81 -8.22
N LYS A 356 -19.22 -9.83 -8.67
CA LYS A 356 -19.50 -10.44 -9.98
C LYS A 356 -20.43 -11.65 -9.96
N TYR A 357 -20.50 -12.35 -8.84
CA TYR A 357 -21.28 -13.59 -8.77
C TYR A 357 -22.43 -13.55 -7.75
N TYR A 358 -23.53 -14.24 -8.06
CA TYR A 358 -24.62 -14.38 -7.12
C TYR A 358 -24.43 -15.64 -6.28
N VAL A 359 -23.90 -16.67 -6.93
CA VAL A 359 -23.48 -17.88 -6.25
C VAL A 359 -21.96 -17.85 -6.08
N TRP A 360 -21.50 -17.83 -4.83
CA TRP A 360 -20.06 -17.83 -4.58
C TRP A 360 -19.46 -19.16 -5.02
N PRO A 361 -18.45 -19.09 -5.92
CA PRO A 361 -17.78 -20.22 -6.58
C PRO A 361 -17.12 -21.24 -5.64
N ARG A 362 -16.93 -22.48 -6.10
CA ARG A 362 -16.19 -23.49 -5.36
C ARG A 362 -14.96 -23.92 -6.16
N MET A 363 -13.79 -23.83 -5.53
CA MET A 363 -12.53 -24.16 -6.18
C MET A 363 -11.95 -25.49 -5.67
#